data_4LCS
#
_entry.id   4LCS
#
_cell.length_a   161.026
_cell.length_b   161.026
_cell.length_c   93.438
_cell.angle_alpha   90.00
_cell.angle_beta   90.00
_cell.angle_gamma   90.00
#
_symmetry.space_group_name_H-M   'I 41 2 2'
#
loop_
_entity.id
_entity.type
_entity.pdbx_description
1 polymer 'Chromosome 8 SCAF14545, whole genome shotgun sequence'
2 non-polymer 'ZINC ION'
3 non-polymer imidazolidine-2,4-dione
4 water water
#
_entity_poly.entity_id   1
_entity_poly.type   'polypeptide(L)'
_entity_poly.pdbx_seq_one_letter_code
;GSAGSGTIDDDDKSPGARGSMAEAGEILIKGGKVVNEDCSFFSDVHIRGGKIVEVGPDLRVPPGARVIDATDRLVIPGGI
DTHTHMELAFMGTRAVDDFHIGTKAALAGGTTMILDFVMTQKGQSLLEAYDLWRKTADPKVCCDYSLHVAVTWWSDEVKD
EMRTLAQERGVNSF(KCX)MFMAYKGLFMLRDDELYAVFSHCKEVGAIAQVHAENGDLIAEGAKKMLSLGITGPEGHELC
RPEAVEAEATQRAITIASAVNCPLYVVHVMSKSAADVVSKARKDGRVVFGEPIAASLGTDGTNYWHKDWAHAAQYVMGPP
LRPDPSTPGYLMDLLANDDLTLTGTDNCTFSRCQKALGKDDFTRIPNGVNGVEDRMSVIWEKGVHSGKMDENRFVAVTSS
NAAKIFNFYPQKGRIAKDSDADVVIWDPKTTRKISAQTHHQAVDYNIFEGMECHGVPVVTVSRGRVVYEEGRLKVSPGQG
RFIHRQPFSEFVYKRIRQRDEVGKPAVVIREPYAGEVVALGTSD
;
_entity_poly.pdbx_strand_id   A
#
loop_
_chem_comp.id
_chem_comp.type
_chem_comp.name
_chem_comp.formula
HYN non-polymer imidazolidine-2,4-dione 'C3 H4 N2 O2'
ZN non-polymer 'ZINC ION' 'Zn 2'
#
# COMPACT_ATOMS: atom_id res chain seq x y z
N ALA A 24 9.86 -29.95 8.81
CA ALA A 24 8.52 -29.32 8.68
C ALA A 24 8.42 -27.95 9.46
N GLY A 25 8.55 -27.98 10.79
CA GLY A 25 7.89 -26.95 11.64
C GLY A 25 6.34 -27.07 11.47
N GLU A 26 5.66 -27.81 12.34
CA GLU A 26 4.20 -27.87 12.27
C GLU A 26 3.71 -26.94 13.34
N ILE A 27 2.64 -26.21 13.09
CA ILE A 27 2.08 -25.34 14.12
C ILE A 27 0.60 -25.57 14.16
N LEU A 28 0.05 -25.59 15.36
CA LEU A 28 -1.36 -25.63 15.52
C LEU A 28 -1.77 -24.37 16.32
N ILE A 29 -2.52 -23.46 15.69
CA ILE A 29 -3.11 -22.31 16.37
C ILE A 29 -4.47 -22.67 16.94
N LYS A 30 -4.55 -22.80 18.27
CA LYS A 30 -5.74 -23.38 18.91
C LYS A 30 -6.52 -22.37 19.71
N GLY A 31 -7.82 -22.50 19.67
CA GLY A 31 -8.65 -21.77 20.64
C GLY A 31 -9.13 -20.39 20.18
N GLY A 32 -8.62 -19.91 19.02
CA GLY A 32 -8.99 -18.56 18.61
C GLY A 32 -10.19 -18.47 17.66
N LYS A 33 -10.53 -17.24 17.31
CA LYS A 33 -11.64 -17.00 16.33
C LYS A 33 -11.06 -16.50 15.01
N VAL A 34 -11.29 -17.29 13.97
CA VAL A 34 -10.82 -16.97 12.60
C VAL A 34 -11.71 -15.86 12.06
N VAL A 35 -11.06 -14.85 11.52
CA VAL A 35 -11.73 -13.73 10.85
C VAL A 35 -11.27 -13.67 9.41
N ASN A 36 -12.19 -14.05 8.50
CA ASN A 36 -11.99 -13.78 7.08
C ASN A 36 -12.84 -12.59 6.61
N GLU A 37 -12.64 -12.20 5.37
CA GLU A 37 -13.38 -11.11 4.75
C GLU A 37 -14.89 -11.35 4.80
N ASP A 38 -15.35 -12.58 4.64
CA ASP A 38 -16.80 -12.77 4.58
C ASP A 38 -17.43 -13.07 5.97
N CYS A 39 -16.77 -13.86 6.82
CA CYS A 39 -17.36 -14.10 8.15
C CYS A 39 -16.30 -14.49 9.17
N SER A 40 -16.73 -14.67 10.43
CA SER A 40 -15.82 -15.06 11.52
C SER A 40 -16.38 -16.31 12.17
N PHE A 41 -15.50 -17.19 12.67
CA PHE A 41 -15.98 -18.46 13.27
C PHE A 41 -14.82 -19.04 14.07
N PHE A 42 -15.20 -19.68 15.16
CA PHE A 42 -14.25 -20.45 16.02
C PHE A 42 -13.66 -21.68 15.34
N SER A 43 -12.35 -21.79 15.34
CA SER A 43 -11.69 -22.99 14.70
C SER A 43 -10.23 -22.94 15.03
N ASP A 44 -9.58 -24.13 15.02
CA ASP A 44 -8.12 -24.15 15.06
C ASP A 44 -7.57 -24.09 13.66
N VAL A 45 -6.32 -23.64 13.56
CA VAL A 45 -5.65 -23.62 12.28
C VAL A 45 -4.36 -24.44 12.34
N HIS A 46 -4.27 -25.43 11.46
CA HIS A 46 -3.15 -26.38 11.43
C HIS A 46 -2.25 -25.95 10.28
N ILE A 47 -1.02 -25.62 10.62
CA ILE A 47 -0.04 -25.19 9.64
C ILE A 47 1.05 -26.22 9.51
N ARG A 48 1.39 -26.55 8.25
CA ARG A 48 2.52 -27.43 7.98
C ARG A 48 3.28 -26.97 6.74
N GLY A 49 4.60 -26.96 6.79
CA GLY A 49 5.40 -26.69 5.61
C GLY A 49 4.98 -25.42 4.86
N GLY A 50 4.79 -24.31 5.58
CA GLY A 50 4.50 -23.05 4.86
C GLY A 50 3.02 -22.80 4.49
N LYS A 51 2.16 -23.81 4.66
CA LYS A 51 0.79 -23.72 4.25
C LYS A 51 -0.15 -23.95 5.41
N ILE A 52 -1.36 -23.40 5.32
CA ILE A 52 -2.46 -23.82 6.18
C ILE A 52 -2.99 -25.12 5.59
N VAL A 53 -2.91 -26.22 6.32
CA VAL A 53 -3.31 -27.49 5.77
C VAL A 53 -4.62 -27.92 6.35
N GLU A 54 -5.09 -27.27 7.40
CA GLU A 54 -6.45 -27.57 7.88
C GLU A 54 -7.03 -26.46 8.75
N VAL A 55 -8.32 -26.23 8.61
CA VAL A 55 -9.03 -25.29 9.48
C VAL A 55 -10.29 -25.96 10.03
N GLY A 56 -10.41 -26.08 11.36
CA GLY A 56 -11.63 -26.70 11.90
C GLY A 56 -11.59 -26.73 13.39
N PRO A 57 -12.75 -27.08 14.03
CA PRO A 57 -12.83 -27.12 15.49
C PRO A 57 -11.99 -28.26 16.10
N ASP A 58 -11.38 -27.95 17.24
CA ASP A 58 -10.69 -28.91 18.07
C ASP A 58 -9.80 -29.87 17.28
N LEU A 59 -8.81 -29.36 16.56
CA LEU A 59 -7.91 -30.23 15.78
C LEU A 59 -6.91 -30.92 16.71
N ARG A 60 -6.43 -32.07 16.27
CA ARG A 60 -5.46 -32.86 17.04
C ARG A 60 -4.05 -32.28 17.00
N VAL A 61 -3.31 -32.30 18.12
CA VAL A 61 -1.91 -31.81 18.06
C VAL A 61 -0.94 -32.96 17.68
N PRO A 62 -0.49 -33.05 16.38
CA PRO A 62 0.49 -34.13 16.00
C PRO A 62 1.82 -33.98 16.83
N PRO A 63 2.42 -35.09 17.31
CA PRO A 63 3.61 -35.04 18.15
C PRO A 63 4.72 -34.16 17.55
N GLY A 64 5.14 -33.14 18.29
CA GLY A 64 6.24 -32.27 17.81
C GLY A 64 5.78 -30.92 17.30
N ALA A 65 4.48 -30.78 17.04
CA ALA A 65 3.89 -29.53 16.52
C ALA A 65 3.91 -28.55 17.68
N ARG A 66 4.23 -27.31 17.39
CA ARG A 66 4.09 -26.27 18.41
C ARG A 66 2.65 -25.75 18.51
N VAL A 67 2.06 -25.68 19.71
CA VAL A 67 0.72 -25.09 19.88
C VAL A 67 0.83 -23.59 20.22
N ILE A 68 0.26 -22.70 19.39
CA ILE A 68 0.07 -21.32 19.81
C ILE A 68 -1.35 -21.23 20.34
N ASP A 69 -1.47 -20.71 21.53
CA ASP A 69 -2.73 -20.65 22.19
C ASP A 69 -3.38 -19.31 21.77
N ALA A 70 -4.48 -19.40 21.03
CA ALA A 70 -5.12 -18.14 20.52
C ALA A 70 -6.42 -17.88 21.28
N THR A 71 -6.57 -18.54 22.42
CA THR A 71 -7.77 -18.28 23.27
C THR A 71 -7.96 -16.77 23.46
N ASP A 72 -9.16 -16.25 23.22
CA ASP A 72 -9.40 -14.77 23.30
C ASP A 72 -8.70 -13.91 22.29
N ARG A 73 -8.37 -14.49 21.16
CA ARG A 73 -7.66 -13.72 20.13
C ARG A 73 -8.35 -13.91 18.79
N LEU A 74 -8.07 -13.00 17.87
CA LEU A 74 -8.56 -13.18 16.53
C LEU A 74 -7.43 -13.80 15.74
N VAL A 75 -7.76 -14.72 14.84
CA VAL A 75 -6.74 -15.31 13.98
C VAL A 75 -7.00 -14.77 12.58
N ILE A 76 -6.06 -13.98 12.06
CA ILE A 76 -6.37 -13.24 10.84
C ILE A 76 -5.29 -13.43 9.84
N PRO A 77 -5.63 -13.19 8.54
CA PRO A 77 -4.57 -13.20 7.53
C PRO A 77 -3.58 -12.07 7.87
N GLY A 78 -2.26 -12.29 7.69
CA GLY A 78 -1.33 -11.24 7.96
C GLY A 78 -1.62 -10.06 7.03
N GLY A 79 -1.22 -8.88 7.44
CA GLY A 79 -1.54 -7.67 6.66
C GLY A 79 -0.70 -7.67 5.38
N ILE A 80 -1.22 -7.05 4.34
CA ILE A 80 -0.47 -6.91 3.08
C ILE A 80 -0.38 -5.43 2.77
N ASP A 81 0.85 -4.92 2.80
CA ASP A 81 1.07 -3.52 2.62
C ASP A 81 1.28 -3.31 1.15
N THR A 82 0.31 -2.65 0.51
CA THR A 82 0.33 -2.54 -0.93
C THR A 82 1.35 -1.51 -1.45
N HIS A 83 2.00 -0.76 -0.55
CA HIS A 83 2.66 0.51 -0.99
C HIS A 83 3.86 0.84 -0.10
N THR A 84 5.07 0.39 -0.49
CA THR A 84 6.26 0.75 0.20
C THR A 84 7.40 1.18 -0.71
N HIS A 85 8.32 1.95 -0.13
CA HIS A 85 9.56 2.34 -0.81
C HIS A 85 10.78 2.08 0.08
N MET A 86 11.10 0.80 0.35
CA MET A 86 12.22 0.50 1.25
C MET A 86 13.55 1.00 0.61
N GLU A 87 14.41 1.63 1.42
CA GLU A 87 15.74 2.09 0.98
C GLU A 87 15.78 2.68 -0.39
N LEU A 88 14.77 3.50 -0.75
CA LEU A 88 14.74 4.22 -2.02
C LEU A 88 15.74 5.39 -2.00
N ALA A 89 16.61 5.45 -3.02
CA ALA A 89 17.49 6.64 -3.21
C ALA A 89 16.67 7.69 -3.93
N PHE A 90 16.44 8.82 -3.26
CA PHE A 90 15.46 9.87 -3.69
C PHE A 90 15.87 11.14 -3.01
N MET A 91 15.68 12.23 -3.76
CA MET A 91 15.78 13.59 -3.21
C MET A 91 17.13 13.79 -2.48
N GLY A 92 18.21 13.69 -3.31
CA GLY A 92 19.24 12.63 -3.31
C GLY A 92 19.79 12.01 -2.03
N THR A 93 19.12 10.99 -1.51
CA THR A 93 19.53 10.39 -0.25
C THR A 93 18.78 9.03 -0.09
N ARG A 94 19.04 8.16 0.87
CA ARG A 94 18.14 7.01 0.78
C ARG A 94 17.40 6.70 2.05
N ALA A 95 16.15 6.23 1.90
CA ALA A 95 15.27 6.00 3.04
C ALA A 95 15.96 5.08 4.01
N VAL A 96 15.76 5.31 5.31
CA VAL A 96 16.48 4.57 6.35
C VAL A 96 15.87 3.22 6.66
N ASP A 97 14.55 3.07 6.53
CA ASP A 97 14.02 1.68 6.59
C ASP A 97 14.34 0.96 5.29
N ASP A 98 15.26 -0.01 5.34
CA ASP A 98 15.63 -0.80 4.15
C ASP A 98 14.82 -2.09 4.11
N PHE A 99 15.10 -2.94 3.13
CA PHE A 99 14.28 -4.16 2.98
C PHE A 99 14.33 -5.06 4.19
N HIS A 100 15.50 -5.03 4.83
CA HIS A 100 15.73 -5.89 5.99
C HIS A 100 14.93 -5.32 7.17
N ILE A 101 15.25 -4.08 7.59
CA ILE A 101 14.57 -3.47 8.76
C ILE A 101 13.08 -3.20 8.54
N GLY A 102 12.77 -2.65 7.36
CA GLY A 102 11.36 -2.45 6.99
C GLY A 102 10.51 -3.68 7.10
N THR A 103 11.03 -4.84 6.67
CA THR A 103 10.19 -6.05 6.73
C THR A 103 10.08 -6.56 8.14
N LYS A 104 11.18 -6.43 8.91
CA LYS A 104 11.11 -6.75 10.35
C LYS A 104 10.04 -5.90 11.05
N ALA A 105 10.05 -4.59 10.73
CA ALA A 105 9.09 -3.69 11.33
C ALA A 105 7.66 -4.06 10.92
N ALA A 106 7.50 -4.40 9.66
CA ALA A 106 6.20 -4.89 9.18
C ALA A 106 5.74 -6.04 10.05
N LEU A 107 6.63 -7.02 10.21
CA LEU A 107 6.25 -8.23 10.93
C LEU A 107 5.80 -7.93 12.37
N ALA A 108 6.53 -7.02 13.00
CA ALA A 108 6.26 -6.68 14.38
C ALA A 108 4.88 -5.96 14.48
N GLY A 109 4.44 -5.35 13.38
CA GLY A 109 3.16 -4.65 13.35
C GLY A 109 2.03 -5.47 12.77
N GLY A 110 2.27 -6.76 12.53
CA GLY A 110 1.14 -7.62 12.03
C GLY A 110 1.05 -7.64 10.48
N THR A 111 2.04 -7.16 9.79
CA THR A 111 2.03 -7.12 8.33
C THR A 111 3.00 -8.19 7.78
N THR A 112 2.52 -9.08 6.91
CA THR A 112 3.35 -10.19 6.44
C THR A 112 3.77 -10.11 4.99
N MET A 113 3.33 -9.07 4.29
CA MET A 113 3.86 -8.90 2.92
C MET A 113 3.91 -7.41 2.58
N ILE A 114 4.92 -7.03 1.80
CA ILE A 114 4.95 -5.69 1.28
C ILE A 114 5.01 -5.71 -0.24
N LEU A 115 4.42 -4.67 -0.86
CA LEU A 115 4.64 -4.52 -2.32
C LEU A 115 5.35 -3.20 -2.51
N ASP A 116 6.56 -3.31 -3.03
CA ASP A 116 7.45 -2.19 -3.14
C ASP A 116 7.54 -1.74 -4.60
N PHE A 117 7.86 -0.46 -4.82
CA PHE A 117 7.86 0.12 -6.18
C PHE A 117 9.27 0.21 -6.76
N VAL A 118 9.49 -0.41 -7.93
CA VAL A 118 10.71 -0.22 -8.69
C VAL A 118 10.69 1.15 -9.36
N MET A 119 11.49 2.06 -8.83
CA MET A 119 11.44 3.46 -9.27
C MET A 119 12.35 3.69 -10.47
N THR A 120 11.95 3.20 -11.63
CA THR A 120 12.84 3.24 -12.76
C THR A 120 13.07 4.69 -13.16
N GLN A 121 14.31 5.06 -13.39
CA GLN A 121 14.54 6.46 -13.86
C GLN A 121 14.22 6.68 -15.33
N LYS A 122 14.01 7.93 -15.69
CA LYS A 122 13.75 8.35 -17.03
C LYS A 122 14.86 7.87 -17.99
N GLY A 123 14.46 7.18 -19.05
CA GLY A 123 15.45 6.68 -20.03
C GLY A 123 16.10 5.38 -19.62
N GLN A 124 15.86 4.92 -18.39
CA GLN A 124 16.50 3.67 -17.92
C GLN A 124 15.63 2.44 -18.24
N SER A 125 16.27 1.30 -18.59
CA SER A 125 15.54 0.06 -18.86
C SER A 125 14.66 -0.39 -17.62
N LEU A 126 13.41 -0.72 -17.86
CA LEU A 126 12.54 -1.23 -16.75
C LEU A 126 13.05 -2.60 -16.21
N LEU A 127 13.60 -3.43 -17.10
CA LEU A 127 14.11 -4.71 -16.70
C LEU A 127 15.32 -4.57 -15.80
N GLU A 128 16.24 -3.69 -16.19
CA GLU A 128 17.42 -3.46 -15.33
C GLU A 128 17.04 -2.93 -13.97
N ALA A 129 16.08 -2.02 -13.93
CA ALA A 129 15.62 -1.51 -12.64
C ALA A 129 14.96 -2.65 -11.83
N TYR A 130 14.16 -3.47 -12.52
CA TYR A 130 13.56 -4.66 -11.88
C TYR A 130 14.65 -5.56 -11.28
N ASP A 131 15.63 -5.94 -12.12
CA ASP A 131 16.76 -6.77 -11.68
C ASP A 131 17.42 -6.14 -10.48
N LEU A 132 17.68 -4.84 -10.57
CA LEU A 132 18.35 -4.17 -9.49
C LEU A 132 17.53 -4.26 -8.18
N TRP A 133 16.21 -4.13 -8.28
CA TRP A 133 15.39 -4.22 -7.04
C TRP A 133 15.40 -5.61 -6.44
N ARG A 134 15.34 -6.64 -7.30
CA ARG A 134 15.32 -8.07 -6.79
C ARG A 134 16.65 -8.41 -6.11
N LYS A 135 17.76 -8.09 -6.78
CA LYS A 135 19.08 -8.27 -6.17
C LYS A 135 19.22 -7.58 -4.82
N THR A 136 18.68 -6.36 -4.64
CA THR A 136 18.76 -5.64 -3.39
C THR A 136 17.79 -6.29 -2.37
N ALA A 137 16.62 -6.77 -2.79
CA ALA A 137 15.60 -7.20 -1.79
C ALA A 137 15.60 -8.67 -1.45
N ASP A 138 15.80 -9.52 -2.46
CA ASP A 138 15.87 -10.94 -2.27
C ASP A 138 16.71 -11.41 -1.04
N PRO A 139 17.94 -10.91 -0.88
CA PRO A 139 18.79 -11.40 0.25
C PRO A 139 18.39 -10.71 1.57
N LYS A 140 17.50 -9.73 1.56
CA LYS A 140 17.17 -8.98 2.74
C LYS A 140 15.73 -9.11 3.32
N VAL A 141 14.73 -9.40 2.52
CA VAL A 141 13.36 -9.38 3.04
C VAL A 141 13.22 -10.44 4.10
N CYS A 142 12.51 -10.06 5.19
CA CYS A 142 12.17 -11.05 6.21
C CYS A 142 10.76 -11.58 6.08
N CYS A 143 10.00 -11.00 5.17
CA CYS A 143 8.63 -11.47 4.87
C CYS A 143 8.46 -11.57 3.39
N ASP A 144 7.42 -12.23 2.91
CA ASP A 144 7.19 -12.22 1.49
C ASP A 144 7.01 -10.78 0.92
N TYR A 145 7.29 -10.62 -0.37
CA TYR A 145 7.06 -9.36 -1.02
C TYR A 145 6.81 -9.49 -2.49
N SER A 146 6.37 -8.41 -3.12
CA SER A 146 6.36 -8.36 -4.57
C SER A 146 6.59 -6.93 -4.97
N LEU A 147 6.59 -6.70 -6.28
CA LEU A 147 7.01 -5.39 -6.85
C LEU A 147 5.99 -4.80 -7.82
N HIS A 148 5.81 -3.46 -7.77
CA HIS A 148 5.21 -2.77 -8.91
C HIS A 148 6.35 -2.14 -9.71
N VAL A 149 6.14 -1.86 -11.01
CA VAL A 149 7.19 -1.15 -11.72
C VAL A 149 6.67 0.19 -12.27
N ALA A 150 7.39 1.27 -11.97
CA ALA A 150 7.07 2.58 -12.46
C ALA A 150 7.44 2.70 -13.92
N VAL A 151 6.52 3.29 -14.69
CA VAL A 151 6.73 3.56 -16.08
C VAL A 151 6.93 5.10 -16.15
N THR A 152 8.20 5.54 -16.17
CA THR A 152 8.53 6.94 -16.06
C THR A 152 8.98 7.50 -17.39
N TRP A 153 8.75 6.76 -18.46
CA TRP A 153 9.02 7.26 -19.82
C TRP A 153 8.45 6.23 -20.76
N TRP A 154 8.40 6.58 -22.02
CA TRP A 154 7.60 5.82 -22.97
C TRP A 154 8.36 5.67 -24.24
N SER A 155 8.27 4.50 -24.84
CA SER A 155 8.95 4.20 -26.12
C SER A 155 8.79 2.69 -26.44
N ASP A 156 9.18 2.29 -27.66
CA ASP A 156 9.02 0.91 -28.08
C ASP A 156 9.66 -0.04 -27.07
N GLU A 157 10.80 0.39 -26.54
CA GLU A 157 11.53 -0.43 -25.59
C GLU A 157 10.71 -0.59 -24.28
N VAL A 158 10.15 0.52 -23.78
CA VAL A 158 9.38 0.45 -22.57
C VAL A 158 8.18 -0.48 -22.78
N LYS A 159 7.55 -0.33 -23.94
CA LYS A 159 6.44 -1.15 -24.35
C LYS A 159 6.81 -2.62 -24.30
N ASP A 160 7.92 -3.00 -24.94
CA ASP A 160 8.38 -4.41 -24.86
C ASP A 160 8.70 -4.86 -23.43
N GLU A 161 9.40 -4.03 -22.68
CA GLU A 161 9.78 -4.46 -21.38
C GLU A 161 8.56 -4.65 -20.45
N MET A 162 7.55 -3.80 -20.61
CA MET A 162 6.30 -4.00 -19.84
C MET A 162 5.70 -5.38 -20.11
N ARG A 163 5.66 -5.80 -21.35
CA ARG A 163 5.14 -7.17 -21.70
C ARG A 163 5.96 -8.26 -21.06
N THR A 164 7.27 -8.13 -21.21
CA THR A 164 8.16 -9.12 -20.56
C THR A 164 7.88 -9.17 -19.05
N LEU A 165 7.68 -7.99 -18.43
CA LEU A 165 7.54 -7.95 -17.00
C LEU A 165 6.26 -8.65 -16.58
N ALA A 166 5.19 -8.37 -17.30
CA ALA A 166 3.89 -8.93 -16.96
C ALA A 166 3.81 -10.46 -17.23
N GLN A 167 4.45 -10.91 -18.31
CA GLN A 167 4.38 -12.35 -18.71
C GLN A 167 5.44 -13.22 -18.05
N GLU A 168 6.61 -12.66 -17.71
CA GLU A 168 7.69 -13.51 -17.24
C GLU A 168 8.25 -13.12 -15.90
N ARG A 169 8.05 -11.88 -15.44
CA ARG A 169 8.75 -11.43 -14.20
C ARG A 169 7.80 -11.27 -13.02
N GLY A 170 6.56 -11.75 -13.15
CA GLY A 170 5.66 -11.80 -12.00
C GLY A 170 5.06 -10.48 -11.60
N VAL A 171 5.08 -9.49 -12.50
CA VAL A 171 4.58 -8.14 -12.21
C VAL A 171 3.37 -7.71 -13.03
N ASN A 172 2.20 -7.53 -12.37
CA ASN A 172 1.00 -7.07 -13.10
C ASN A 172 0.53 -5.67 -12.73
N SER A 173 1.45 -4.86 -12.21
CA SER A 173 1.07 -3.49 -11.77
C SER A 173 2.17 -2.55 -12.23
N PHE A 174 1.78 -1.54 -13.00
CA PHE A 174 2.67 -0.50 -13.43
C PHE A 174 2.24 0.87 -12.90
N KCX A 175 3.22 1.64 -12.46
CA KCX A 175 2.99 2.91 -11.73
CB KCX A 175 3.83 2.88 -10.46
CG KCX A 175 3.96 4.22 -9.76
CD KCX A 175 2.63 4.47 -9.11
CE KCX A 175 2.85 5.66 -8.22
NZ KCX A 175 3.51 5.24 -7.01
C KCX A 175 3.38 4.09 -12.56
O KCX A 175 4.53 4.22 -13.04
CX KCX A 175 3.85 6.03 -6.03
OQ1 KCX A 175 4.38 5.67 -5.00
OQ2 KCX A 175 3.61 7.29 -6.28
N MET A 176 2.40 4.97 -12.77
CA MET A 176 2.68 6.18 -13.54
C MET A 176 2.45 7.44 -12.69
N PHE A 177 3.20 8.47 -13.04
CA PHE A 177 3.21 9.73 -12.29
C PHE A 177 2.61 10.91 -13.07
N MET A 178 1.60 11.55 -12.50
CA MET A 178 1.10 12.82 -13.10
C MET A 178 1.83 14.05 -12.46
N ALA A 179 2.55 13.82 -11.36
CA ALA A 179 3.37 14.88 -10.73
C ALA A 179 4.88 14.67 -11.08
N TYR A 180 5.75 15.41 -10.40
CA TYR A 180 7.19 15.28 -10.55
C TYR A 180 7.60 15.65 -11.98
N LYS A 181 7.28 16.88 -12.35
CA LYS A 181 7.58 17.34 -13.72
C LYS A 181 9.09 17.29 -13.95
N GLY A 182 9.53 16.89 -15.13
CA GLY A 182 10.94 16.86 -15.38
C GLY A 182 11.57 15.60 -14.87
N LEU A 183 10.92 14.92 -13.93
CA LEU A 183 11.51 13.75 -13.32
C LEU A 183 10.74 12.42 -13.69
N PHE A 184 9.45 12.30 -13.31
CA PHE A 184 8.69 11.06 -13.58
C PHE A 184 7.45 11.32 -14.44
N MET A 185 7.03 12.57 -14.51
CA MET A 185 5.76 12.94 -15.08
C MET A 185 5.57 12.50 -16.52
N LEU A 186 4.34 12.03 -16.77
CA LEU A 186 3.88 11.75 -18.12
C LEU A 186 2.67 12.67 -18.42
N ARG A 187 2.58 13.14 -19.66
CA ARG A 187 1.43 13.97 -20.12
C ARG A 187 0.26 13.07 -20.55
N ASP A 188 -0.90 13.70 -20.74
CA ASP A 188 -2.14 12.99 -21.05
C ASP A 188 -2.01 12.03 -22.23
N ASP A 189 -1.30 12.44 -23.29
CA ASP A 189 -1.20 11.59 -24.47
C ASP A 189 -0.32 10.32 -24.21
N GLU A 190 0.68 10.45 -23.37
CA GLU A 190 1.52 9.35 -22.96
C GLU A 190 0.77 8.48 -21.97
N LEU A 191 -0.03 9.09 -21.09
CA LEU A 191 -0.85 8.24 -20.15
C LEU A 191 -1.83 7.36 -20.93
N TYR A 192 -2.37 7.95 -21.99
CA TYR A 192 -3.32 7.25 -22.81
C TYR A 192 -2.62 6.00 -23.42
N ALA A 193 -1.45 6.24 -24.02
CA ALA A 193 -0.70 5.14 -24.68
C ALA A 193 -0.30 4.08 -23.60
N VAL A 194 0.18 4.54 -22.44
CA VAL A 194 0.65 3.65 -21.40
C VAL A 194 -0.53 2.85 -20.84
N PHE A 195 -1.63 3.54 -20.54
CA PHE A 195 -2.82 2.89 -20.03
C PHE A 195 -3.33 1.82 -21.01
N SER A 196 -3.36 2.16 -22.30
CA SER A 196 -3.74 1.19 -23.34
C SER A 196 -2.89 -0.06 -23.33
N HIS A 197 -1.58 0.12 -23.30
CA HIS A 197 -0.72 -1.04 -23.25
C HIS A 197 -0.83 -1.84 -21.93
N CYS A 198 -1.09 -1.18 -20.79
CA CYS A 198 -1.41 -1.93 -19.54
C CYS A 198 -2.57 -2.87 -19.75
N LYS A 199 -3.66 -2.37 -20.35
CA LYS A 199 -4.82 -3.16 -20.62
C LYS A 199 -4.40 -4.34 -21.53
N GLU A 200 -3.60 -4.04 -22.58
CA GLU A 200 -3.12 -5.12 -23.50
C GLU A 200 -2.38 -6.23 -22.77
N VAL A 201 -1.52 -5.93 -21.80
CA VAL A 201 -0.74 -7.01 -21.16
C VAL A 201 -1.44 -7.52 -19.90
N GLY A 202 -2.67 -7.06 -19.65
CA GLY A 202 -3.44 -7.50 -18.46
C GLY A 202 -2.88 -7.01 -17.14
N ALA A 203 -2.31 -5.80 -17.15
CA ALA A 203 -1.77 -5.19 -15.91
C ALA A 203 -2.81 -4.23 -15.37
N ILE A 204 -2.64 -3.83 -14.11
CA ILE A 204 -3.43 -2.71 -13.61
C ILE A 204 -2.61 -1.46 -13.63
N ALA A 205 -3.22 -0.35 -14.04
CA ALA A 205 -2.52 0.94 -14.02
C ALA A 205 -2.62 1.67 -12.69
N GLN A 206 -1.44 1.89 -12.05
CA GLN A 206 -1.47 2.69 -10.78
C GLN A 206 -1.07 4.11 -11.05
N VAL A 207 -1.70 5.09 -10.39
CA VAL A 207 -1.34 6.49 -10.69
C VAL A 207 -1.05 7.29 -9.46
N HIS A 208 0.05 8.05 -9.55
CA HIS A 208 0.26 9.17 -8.61
C HIS A 208 -0.51 10.34 -9.16
N ALA A 209 -1.67 10.63 -8.56
CA ALA A 209 -2.59 11.59 -9.15
C ALA A 209 -2.47 12.99 -8.52
N GLU A 210 -1.47 13.76 -9.00
CA GLU A 210 -1.45 15.22 -8.74
C GLU A 210 -1.02 15.94 -9.99
N ASN A 211 -1.53 17.15 -10.20
CA ASN A 211 -1.17 17.94 -11.37
C ASN A 211 0.26 18.48 -11.17
N GLY A 212 1.20 17.91 -11.89
CA GLY A 212 2.61 18.27 -11.77
C GLY A 212 2.92 19.72 -12.16
N ASP A 213 2.18 20.27 -13.12
CA ASP A 213 2.34 21.70 -13.53
C ASP A 213 1.94 22.64 -12.40
N LEU A 214 0.80 22.37 -11.73
CA LEU A 214 0.38 23.20 -10.63
C LEU A 214 1.35 23.07 -9.44
N ILE A 215 1.79 21.88 -9.12
CA ILE A 215 2.81 21.72 -8.05
C ILE A 215 4.03 22.56 -8.38
N ALA A 216 4.57 22.39 -9.60
CA ALA A 216 5.76 23.13 -9.97
C ALA A 216 5.53 24.63 -9.76
N GLU A 217 4.41 25.17 -10.25
CA GLU A 217 4.17 26.63 -10.13
C GLU A 217 3.87 27.03 -8.71
N GLY A 218 3.20 26.14 -8.00
CA GLY A 218 2.80 26.42 -6.63
C GLY A 218 4.00 26.61 -5.73
N ALA A 219 4.95 25.66 -5.83
CA ALA A 219 6.19 25.65 -5.01
C ALA A 219 7.02 26.91 -5.33
N LYS A 220 7.19 27.18 -6.64
CA LYS A 220 7.94 28.36 -7.04
C LYS A 220 7.31 29.62 -6.38
N LYS A 221 5.99 29.66 -6.30
CA LYS A 221 5.30 30.82 -5.74
C LYS A 221 5.44 30.89 -4.23
N MET A 222 5.34 29.76 -3.57
CA MET A 222 5.47 29.75 -2.11
C MET A 222 6.88 30.27 -1.72
N LEU A 223 7.90 29.77 -2.41
CA LEU A 223 9.29 30.22 -2.17
C LEU A 223 9.44 31.73 -2.35
N SER A 224 8.96 32.28 -3.47
CA SER A 224 9.07 33.72 -3.72
C SER A 224 8.35 34.51 -2.58
N LEU A 225 7.35 33.93 -1.95
CA LEU A 225 6.65 34.61 -0.86
C LEU A 225 7.37 34.38 0.46
N GLY A 226 8.55 33.74 0.43
CA GLY A 226 9.31 33.53 1.68
C GLY A 226 8.65 32.49 2.59
N ILE A 227 7.75 31.67 2.04
CA ILE A 227 7.15 30.59 2.83
C ILE A 227 7.95 29.32 2.54
N THR A 228 8.99 29.07 3.34
CA THR A 228 9.96 28.01 3.04
C THR A 228 9.71 26.80 3.92
N GLY A 229 8.89 26.99 4.98
CA GLY A 229 8.55 25.93 5.92
C GLY A 229 7.62 24.86 5.30
N PRO A 230 7.35 23.78 6.05
CA PRO A 230 6.50 22.68 5.58
C PRO A 230 5.06 23.10 5.23
N GLU A 231 4.56 24.17 5.87
CA GLU A 231 3.24 24.66 5.52
C GLU A 231 3.25 25.08 4.04
N GLY A 232 4.41 25.49 3.53
CA GLY A 232 4.56 25.85 2.11
C GLY A 232 4.35 24.64 1.20
N HIS A 233 4.83 23.48 1.66
CA HIS A 233 4.65 22.22 0.91
C HIS A 233 3.19 21.87 0.68
N GLU A 234 2.36 21.99 1.72
CA GLU A 234 0.93 21.69 1.57
C GLU A 234 0.20 22.80 0.79
N LEU A 235 0.47 24.09 1.14
CA LEU A 235 -0.16 25.23 0.47
C LEU A 235 0.12 25.31 -1.04
N CYS A 236 1.25 24.77 -1.50
CA CYS A 236 1.53 24.87 -2.92
C CYS A 236 0.79 23.79 -3.71
N ARG A 237 0.11 22.87 -3.03
CA ARG A 237 -0.59 21.78 -3.76
C ARG A 237 -1.77 21.31 -2.95
N PRO A 238 -2.75 22.22 -2.73
CA PRO A 238 -3.88 21.91 -1.86
C PRO A 238 -4.69 20.75 -2.50
N GLU A 239 -5.68 20.20 -1.77
CA GLU A 239 -6.34 18.99 -2.29
C GLU A 239 -7.03 19.08 -3.67
N ALA A 240 -7.45 20.27 -4.09
CA ALA A 240 -7.98 20.42 -5.45
C ALA A 240 -7.01 19.92 -6.50
N VAL A 241 -5.72 20.04 -6.22
CA VAL A 241 -4.74 19.74 -7.25
C VAL A 241 -4.65 18.17 -7.34
N GLU A 242 -4.89 17.49 -6.20
CA GLU A 242 -4.98 16.04 -6.19
C GLU A 242 -6.32 15.58 -6.87
N ALA A 243 -7.44 16.23 -6.50
CA ALA A 243 -8.73 15.79 -6.99
C ALA A 243 -8.77 15.88 -8.50
N GLU A 244 -8.23 16.98 -9.04
CA GLU A 244 -8.22 17.21 -10.51
C GLU A 244 -7.50 16.07 -11.26
N ALA A 245 -6.25 15.80 -10.92
CA ALA A 245 -5.49 14.71 -11.55
C ALA A 245 -6.16 13.32 -11.35
N THR A 246 -6.80 13.15 -10.19
CA THR A 246 -7.51 11.90 -9.94
C THR A 246 -8.63 11.70 -10.99
N GLN A 247 -9.47 12.71 -11.17
CA GLN A 247 -10.53 12.69 -12.20
C GLN A 247 -9.93 12.48 -13.60
N ARG A 248 -8.91 13.27 -13.89
CA ARG A 248 -8.27 13.16 -15.23
C ARG A 248 -7.77 11.70 -15.54
N ALA A 249 -7.12 11.11 -14.55
CA ALA A 249 -6.62 9.72 -14.69
C ALA A 249 -7.74 8.75 -14.90
N ILE A 250 -8.81 8.87 -14.09
CA ILE A 250 -9.99 8.00 -14.26
C ILE A 250 -10.60 8.21 -15.66
N THR A 251 -10.65 9.46 -16.14
CA THR A 251 -11.23 9.73 -17.46
C THR A 251 -10.44 9.10 -18.60
N ILE A 252 -9.11 9.24 -18.55
CA ILE A 252 -8.26 8.63 -19.57
C ILE A 252 -8.38 7.13 -19.47
N ALA A 253 -8.33 6.59 -18.25
CA ALA A 253 -8.39 5.16 -18.14
C ALA A 253 -9.72 4.64 -18.66
N SER A 254 -10.80 5.37 -18.35
CA SER A 254 -12.11 4.90 -18.76
C SER A 254 -12.20 4.92 -20.30
N ALA A 255 -11.61 5.95 -20.92
CA ALA A 255 -11.59 6.03 -22.38
C ALA A 255 -10.97 4.79 -23.08
N VAL A 256 -9.95 4.19 -22.49
CA VAL A 256 -9.32 3.04 -23.13
C VAL A 256 -9.77 1.72 -22.47
N ASN A 257 -10.75 1.81 -21.57
CA ASN A 257 -11.18 0.62 -20.79
C ASN A 257 -10.03 -0.09 -20.08
N CYS A 258 -9.17 0.70 -19.42
CA CYS A 258 -8.04 0.16 -18.65
C CYS A 258 -8.38 0.24 -17.15
N PRO A 259 -8.14 -0.83 -16.40
CA PRO A 259 -8.42 -0.75 -14.95
C PRO A 259 -7.38 0.17 -14.25
N LEU A 260 -7.86 0.92 -13.27
CA LEU A 260 -7.04 1.98 -12.64
C LEU A 260 -6.99 1.85 -11.15
N TYR A 261 -5.83 2.17 -10.60
CA TYR A 261 -5.61 2.05 -9.18
C TYR A 261 -4.99 3.35 -8.72
N VAL A 262 -5.66 4.07 -7.82
CA VAL A 262 -5.17 5.43 -7.38
C VAL A 262 -4.45 5.24 -6.03
N VAL A 263 -3.13 5.41 -6.07
CA VAL A 263 -2.31 5.17 -4.85
C VAL A 263 -2.44 6.38 -3.91
N HIS A 264 -2.17 6.14 -2.63
CA HIS A 264 -2.20 7.20 -1.58
C HIS A 264 -3.22 8.30 -1.80
N VAL A 265 -4.50 7.95 -1.74
CA VAL A 265 -5.52 8.96 -1.64
C VAL A 265 -5.39 9.68 -0.27
N MET A 266 -5.15 10.99 -0.32
CA MET A 266 -4.85 11.75 0.89
C MET A 266 -5.97 12.72 1.29
N SER A 267 -6.93 12.97 0.41
CA SER A 267 -7.89 14.04 0.67
C SER A 267 -9.34 13.64 0.50
N LYS A 268 -10.23 14.38 1.16
CA LYS A 268 -11.70 14.10 1.01
C LYS A 268 -12.17 14.29 -0.45
N SER A 269 -11.76 15.40 -1.08
CA SER A 269 -12.20 15.64 -2.45
C SER A 269 -11.68 14.57 -3.43
N ALA A 270 -10.41 14.14 -3.31
CA ALA A 270 -9.89 13.11 -4.25
C ALA A 270 -10.60 11.77 -3.97
N ALA A 271 -10.86 11.46 -2.69
CA ALA A 271 -11.63 10.25 -2.37
C ALA A 271 -13.06 10.37 -2.95
N ASP A 272 -13.68 11.56 -2.85
CA ASP A 272 -15.00 11.68 -3.47
C ASP A 272 -14.99 11.45 -5.03
N VAL A 273 -13.91 11.86 -5.73
CA VAL A 273 -13.79 11.59 -7.16
C VAL A 273 -13.83 10.08 -7.44
N VAL A 274 -13.06 9.33 -6.67
CA VAL A 274 -12.98 7.86 -6.83
C VAL A 274 -14.36 7.25 -6.44
N SER A 275 -14.94 7.72 -5.36
CA SER A 275 -16.27 7.19 -4.90
C SER A 275 -17.30 7.40 -6.01
N LYS A 276 -17.28 8.58 -6.66
CA LYS A 276 -18.26 8.88 -7.74
C LYS A 276 -17.99 8.03 -9.00
N ALA A 277 -16.72 7.92 -9.40
CA ALA A 277 -16.37 7.11 -10.55
C ALA A 277 -16.82 5.64 -10.33
N ARG A 278 -16.63 5.09 -9.14
CA ARG A 278 -17.07 3.70 -8.89
C ARG A 278 -18.60 3.53 -8.92
N LYS A 279 -19.32 4.46 -8.29
CA LYS A 279 -20.81 4.41 -8.35
C LYS A 279 -21.23 4.47 -9.86
N ASP A 280 -20.40 5.16 -10.64
CA ASP A 280 -20.66 5.24 -12.07
C ASP A 280 -20.12 4.01 -12.81
N GLY A 281 -19.63 2.99 -12.10
CA GLY A 281 -19.29 1.73 -12.78
C GLY A 281 -17.88 1.79 -13.35
N ARG A 282 -17.10 2.87 -13.10
CA ARG A 282 -15.72 2.85 -13.58
C ARG A 282 -14.89 1.80 -12.83
N VAL A 283 -13.98 1.12 -13.56
CA VAL A 283 -13.12 0.14 -12.90
C VAL A 283 -11.92 0.86 -12.25
N VAL A 284 -12.12 1.32 -11.01
CA VAL A 284 -11.05 2.04 -10.32
C VAL A 284 -11.05 1.68 -8.88
N PHE A 285 -9.87 1.60 -8.32
CA PHE A 285 -9.70 1.34 -6.88
C PHE A 285 -8.93 2.49 -6.23
N GLY A 286 -9.36 2.86 -5.03
CA GLY A 286 -8.65 3.89 -4.27
C GLY A 286 -7.95 3.31 -3.04
N GLU A 287 -6.73 3.78 -2.83
CA GLU A 287 -5.88 3.27 -1.78
C GLU A 287 -5.48 4.45 -0.83
N PRO A 288 -6.24 4.65 0.27
CA PRO A 288 -5.78 5.56 1.33
C PRO A 288 -4.59 4.87 2.04
N ILE A 289 -3.78 5.64 2.76
CA ILE A 289 -2.71 5.02 3.53
C ILE A 289 -2.82 5.29 5.00
N ALA A 290 -2.02 4.55 5.78
CA ALA A 290 -1.99 4.72 7.23
C ALA A 290 -1.94 6.23 7.64
N ALA A 291 -0.96 6.94 7.08
CA ALA A 291 -0.80 8.36 7.32
C ALA A 291 -2.15 9.10 7.22
N SER A 292 -2.84 8.93 6.07
CA SER A 292 -4.03 9.73 5.80
C SER A 292 -5.25 9.18 6.53
N LEU A 293 -5.13 7.99 7.12
CA LEU A 293 -6.20 7.46 7.95
C LEU A 293 -5.96 7.74 9.43
N GLY A 294 -4.75 8.14 9.83
CA GLY A 294 -4.37 8.17 11.25
C GLY A 294 -3.97 9.54 11.82
N THR A 295 -3.68 10.49 10.93
CA THR A 295 -3.29 11.82 11.33
C THR A 295 -3.68 12.83 10.22
N ASP A 296 -3.31 14.12 10.37
CA ASP A 296 -3.70 15.10 9.38
C ASP A 296 -2.58 16.10 9.13
N GLY A 297 -2.83 17.05 8.23
CA GLY A 297 -1.80 18.01 7.83
C GLY A 297 -1.71 19.28 8.71
N THR A 298 -2.52 19.38 9.77
CA THR A 298 -2.38 20.53 10.67
C THR A 298 -0.93 20.55 11.20
N ASN A 299 -0.31 19.37 11.28
CA ASN A 299 1.11 19.26 11.69
C ASN A 299 2.13 20.06 10.90
N TYR A 300 1.78 20.45 9.68
CA TYR A 300 2.73 21.20 8.89
C TYR A 300 2.84 22.63 9.45
N TRP A 301 1.87 22.99 10.29
CA TRP A 301 1.82 24.36 10.85
C TRP A 301 2.45 24.45 12.22
N HIS A 302 2.96 23.32 12.70
CA HIS A 302 3.66 23.25 14.00
C HIS A 302 4.86 24.20 14.07
N LYS A 303 4.91 24.91 15.18
CA LYS A 303 6.00 25.82 15.50
C LYS A 303 7.35 25.17 15.36
N ASP A 304 7.48 23.92 15.81
CA ASP A 304 8.76 23.17 15.73
C ASP A 304 9.00 22.66 14.30
N TRP A 305 9.98 23.24 13.62
CA TRP A 305 10.26 22.89 12.21
C TRP A 305 10.48 21.40 12.00
N ALA A 306 11.25 20.78 12.90
CA ALA A 306 11.60 19.36 12.75
C ALA A 306 10.30 18.52 12.78
N HIS A 307 9.41 18.83 13.74
CA HIS A 307 8.13 18.16 13.88
C HIS A 307 7.29 18.26 12.62
N ALA A 308 7.12 19.47 12.12
CA ALA A 308 6.38 19.72 10.88
C ALA A 308 6.94 18.92 9.71
N ALA A 309 8.25 18.92 9.54
CA ALA A 309 8.86 18.29 8.39
C ALA A 309 8.75 16.75 8.43
N GLN A 310 8.57 16.20 9.65
CA GLN A 310 8.32 14.76 9.77
C GLN A 310 7.19 14.30 8.81
N TYR A 311 6.19 15.16 8.58
CA TYR A 311 4.95 14.74 7.89
C TYR A 311 4.96 15.00 6.40
N VAL A 312 6.00 15.64 5.91
CA VAL A 312 6.06 15.97 4.51
C VAL A 312 6.19 14.73 3.62
N MET A 313 5.21 14.60 2.71
CA MET A 313 5.18 13.59 1.63
C MET A 313 4.25 14.14 0.54
N GLY A 314 4.35 13.52 -0.63
CA GLY A 314 3.49 13.89 -1.72
C GLY A 314 2.56 12.74 -2.07
N PRO A 315 1.22 13.04 -2.22
CA PRO A 315 0.62 14.34 -1.91
C PRO A 315 0.65 14.55 -0.39
N PRO A 316 0.38 15.78 0.06
CA PRO A 316 0.55 16.08 1.46
C PRO A 316 -0.68 15.65 2.28
N LEU A 317 -0.49 15.49 3.58
CA LEU A 317 -1.60 15.33 4.51
C LEU A 317 -2.38 16.64 4.57
N ARG A 318 -3.67 16.59 4.87
CA ARG A 318 -4.52 17.78 4.66
C ARG A 318 -4.85 18.44 6.00
N PRO A 319 -4.91 19.78 5.99
CA PRO A 319 -5.18 20.57 7.21
C PRO A 319 -6.65 20.51 7.64
N ASP A 320 -7.49 19.78 6.92
CA ASP A 320 -8.85 19.62 7.38
C ASP A 320 -8.96 18.41 8.32
N PRO A 321 -9.21 18.67 9.61
CA PRO A 321 -9.20 17.64 10.69
C PRO A 321 -10.22 16.55 10.50
N SER A 322 -11.17 16.72 9.59
CA SER A 322 -12.25 15.71 9.44
C SER A 322 -11.76 14.69 8.35
N THR A 323 -10.61 14.97 7.73
CA THR A 323 -10.13 14.16 6.61
C THR A 323 -9.95 12.65 6.98
N PRO A 324 -9.10 12.35 7.96
CA PRO A 324 -8.82 10.91 8.29
C PRO A 324 -10.14 10.15 8.62
N GLY A 325 -11.04 10.76 9.41
CA GLY A 325 -12.28 10.07 9.77
C GLY A 325 -13.14 9.84 8.48
N TYR A 326 -13.17 10.82 7.60
CA TYR A 326 -13.95 10.71 6.37
C TYR A 326 -13.38 9.59 5.44
N LEU A 327 -12.06 9.58 5.34
CA LEU A 327 -11.42 8.54 4.58
C LEU A 327 -11.72 7.18 5.18
N MET A 328 -11.77 7.11 6.51
CA MET A 328 -12.08 5.81 7.15
C MET A 328 -13.53 5.43 6.82
N ASP A 329 -14.44 6.42 6.78
CA ASP A 329 -15.84 6.11 6.50
C ASP A 329 -15.93 5.55 5.06
N LEU A 330 -15.17 6.13 4.13
CA LEU A 330 -15.26 5.67 2.71
C LEU A 330 -14.58 4.32 2.55
N LEU A 331 -13.55 4.09 3.34
CA LEU A 331 -12.85 2.79 3.36
C LEU A 331 -13.83 1.74 3.87
N ALA A 332 -14.57 2.08 4.93
CA ALA A 332 -15.58 1.16 5.48
C ALA A 332 -16.66 0.84 4.47
N ASN A 333 -17.06 1.84 3.66
CA ASN A 333 -18.18 1.70 2.77
C ASN A 333 -17.74 1.15 1.38
N ASP A 334 -16.43 0.95 1.20
CA ASP A 334 -15.87 0.49 -0.05
C ASP A 334 -15.89 1.53 -1.19
N ASP A 335 -16.07 2.80 -0.86
CA ASP A 335 -15.74 3.82 -1.86
C ASP A 335 -14.22 3.73 -2.06
N LEU A 336 -13.51 3.47 -0.96
CA LEU A 336 -12.07 3.17 -1.01
C LEU A 336 -11.96 1.69 -0.56
N THR A 337 -10.97 1.00 -1.06
CA THR A 337 -11.05 -0.45 -1.06
C THR A 337 -9.89 -1.18 -0.29
N LEU A 338 -8.69 -0.61 -0.25
CA LEU A 338 -7.58 -1.26 0.43
C LEU A 338 -6.55 -0.24 0.85
N THR A 339 -5.54 -0.71 1.61
CA THR A 339 -4.60 0.24 2.30
C THR A 339 -3.18 -0.18 2.16
N GLY A 340 -2.33 0.82 2.11
CA GLY A 340 -0.90 0.66 2.15
C GLY A 340 -0.35 1.77 3.07
N THR A 341 0.98 1.98 3.04
CA THR A 341 1.52 2.96 3.97
C THR A 341 2.34 4.01 3.29
N ASP A 342 2.76 3.72 2.03
CA ASP A 342 3.70 4.57 1.33
C ASP A 342 4.93 4.81 2.22
N ASN A 343 5.36 3.76 2.92
CA ASN A 343 6.49 3.85 3.84
C ASN A 343 7.81 4.22 3.12
N CYS A 344 8.35 5.36 3.45
CA CYS A 344 9.49 5.91 2.71
C CYS A 344 10.20 6.88 3.69
N THR A 345 11.00 6.31 4.58
CA THR A 345 11.35 7.08 5.79
C THR A 345 12.71 7.77 5.70
N PHE A 346 12.81 8.92 6.34
CA PHE A 346 14.05 9.67 6.40
C PHE A 346 14.20 10.18 7.83
N SER A 347 15.39 10.04 8.36
CA SER A 347 15.65 10.39 9.76
C SER A 347 15.55 11.89 9.90
N ARG A 348 15.39 12.33 11.14
CA ARG A 348 15.32 13.73 11.44
C ARG A 348 16.48 14.48 10.76
N CYS A 349 17.70 13.93 10.78
CA CYS A 349 18.82 14.69 10.18
C CYS A 349 18.79 14.68 8.65
N GLN A 350 18.19 13.67 8.02
CA GLN A 350 17.92 13.75 6.56
C GLN A 350 16.80 14.75 6.15
N LYS A 351 15.68 14.76 6.88
CA LYS A 351 14.61 15.74 6.65
C LYS A 351 15.20 17.17 6.60
N ALA A 352 16.22 17.36 7.45
CA ALA A 352 16.83 18.67 7.70
C ALA A 352 17.54 19.22 6.46
N LEU A 353 17.75 18.38 5.44
CA LEU A 353 18.25 18.86 4.15
C LEU A 353 17.42 20.00 3.58
N GLY A 354 16.19 20.13 4.07
CA GLY A 354 15.26 21.16 3.54
C GLY A 354 14.89 22.21 4.57
N LYS A 355 15.74 22.35 5.58
CA LYS A 355 15.49 23.34 6.65
C LYS A 355 15.25 24.73 6.09
N ASP A 356 15.90 25.08 4.98
CA ASP A 356 15.70 26.44 4.38
C ASP A 356 14.79 26.52 3.16
N ASP A 357 14.34 25.35 2.68
CA ASP A 357 13.53 25.27 1.47
C ASP A 357 12.78 23.91 1.45
N PHE A 358 11.47 23.99 1.64
CA PHE A 358 10.63 22.78 1.75
C PHE A 358 10.70 21.88 0.53
N THR A 359 11.06 22.43 -0.63
CA THR A 359 11.17 21.60 -1.81
C THR A 359 12.36 20.63 -1.67
N ARG A 360 13.20 20.82 -0.66
CA ARG A 360 14.36 19.92 -0.49
C ARG A 360 14.21 18.99 0.70
N ILE A 361 13.08 19.06 1.39
CA ILE A 361 12.79 18.01 2.38
C ILE A 361 12.54 16.66 1.64
N PRO A 362 13.33 15.63 1.87
CA PRO A 362 13.01 14.32 1.24
C PRO A 362 11.61 13.89 1.72
N ASN A 363 10.76 13.60 0.74
CA ASN A 363 9.34 13.33 0.96
C ASN A 363 9.14 11.91 1.45
N GLY A 364 8.32 11.75 2.50
CA GLY A 364 7.93 10.38 2.89
C GLY A 364 7.76 10.25 4.36
N VAL A 365 6.80 9.44 4.80
CA VAL A 365 6.60 9.19 6.23
C VAL A 365 6.69 7.69 6.57
N ASN A 366 6.58 7.36 7.85
CA ASN A 366 6.50 5.99 8.27
C ASN A 366 5.07 5.42 8.17
N GLY A 367 4.92 4.14 8.50
CA GLY A 367 3.59 3.49 8.59
C GLY A 367 3.63 1.97 8.53
N VAL A 368 4.66 1.42 7.88
CA VAL A 368 4.62 -0.04 7.62
C VAL A 368 4.29 -0.83 8.88
N GLU A 369 4.90 -0.42 10.00
CA GLU A 369 4.72 -1.20 11.24
C GLU A 369 3.37 -0.92 11.89
N ASP A 370 2.90 0.33 11.81
CA ASP A 370 1.73 0.71 12.63
C ASP A 370 0.34 0.63 11.92
N ARG A 371 0.40 0.49 10.60
CA ARG A 371 -0.80 0.43 9.76
C ARG A 371 -1.89 -0.44 10.43
N MET A 372 -1.53 -1.67 10.82
CA MET A 372 -2.62 -2.57 11.25
C MET A 372 -3.32 -2.01 12.52
N SER A 373 -2.53 -1.57 13.50
CA SER A 373 -3.09 -1.09 14.78
C SER A 373 -3.83 0.23 14.55
N VAL A 374 -3.25 1.06 13.70
CA VAL A 374 -3.86 2.36 13.40
C VAL A 374 -5.25 2.16 12.81
N ILE A 375 -5.35 1.28 11.83
CA ILE A 375 -6.63 1.00 11.21
C ILE A 375 -7.62 0.37 12.16
N TRP A 376 -7.15 -0.58 12.99
CA TRP A 376 -8.09 -1.19 13.93
C TRP A 376 -8.66 -0.18 14.92
N GLU A 377 -7.79 0.63 15.53
CA GLU A 377 -8.20 1.69 16.47
C GLU A 377 -9.19 2.65 15.74
N LYS A 378 -8.78 3.21 14.59
CA LYS A 378 -9.59 4.29 13.93
C LYS A 378 -10.78 3.75 13.19
N GLY A 379 -10.75 2.46 12.83
CA GLY A 379 -11.78 1.87 11.96
C GLY A 379 -12.71 0.96 12.68
N VAL A 380 -12.16 0.03 13.43
CA VAL A 380 -13.00 -1.01 14.05
C VAL A 380 -13.45 -0.61 15.43
N HIS A 381 -12.50 -0.22 16.28
CA HIS A 381 -12.84 0.20 17.65
C HIS A 381 -13.86 1.34 17.62
N SER A 382 -13.75 2.18 16.60
CA SER A 382 -14.61 3.39 16.48
C SER A 382 -15.97 3.02 16.03
N GLY A 383 -16.18 1.79 15.55
CA GLY A 383 -17.52 1.37 15.07
C GLY A 383 -17.77 1.72 13.57
N LYS A 384 -16.73 2.15 12.84
CA LYS A 384 -16.89 2.49 11.41
C LYS A 384 -16.98 1.26 10.50
N MET A 385 -16.11 0.27 10.75
CA MET A 385 -16.19 -1.00 10.01
C MET A 385 -16.12 -2.19 11.02
N ASP A 386 -16.54 -3.36 10.56
CA ASP A 386 -16.39 -4.55 11.42
C ASP A 386 -15.07 -5.30 11.11
N GLU A 387 -14.80 -6.35 11.87
CA GLU A 387 -13.46 -7.02 11.84
C GLU A 387 -13.27 -7.67 10.44
N ASN A 388 -14.37 -8.12 9.86
CA ASN A 388 -14.29 -8.72 8.52
C ASN A 388 -13.92 -7.67 7.44
N ARG A 389 -14.54 -6.49 7.48
CA ARG A 389 -14.17 -5.48 6.48
C ARG A 389 -12.71 -5.10 6.74
N PHE A 390 -12.31 -5.18 8.02
CA PHE A 390 -10.87 -4.90 8.38
C PHE A 390 -9.92 -5.85 7.65
N VAL A 391 -10.26 -7.14 7.65
CA VAL A 391 -9.43 -8.10 6.95
C VAL A 391 -9.43 -7.75 5.45
N ALA A 392 -10.62 -7.51 4.92
CA ALA A 392 -10.68 -7.11 3.51
C ALA A 392 -9.72 -5.99 3.18
N VAL A 393 -9.72 -4.93 4.01
CA VAL A 393 -8.98 -3.74 3.58
C VAL A 393 -7.54 -3.76 4.00
N THR A 394 -7.13 -4.79 4.77
CA THR A 394 -5.71 -4.88 5.10
C THR A 394 -5.02 -6.03 4.42
N SER A 395 -5.75 -6.99 3.82
CA SER A 395 -5.03 -8.05 3.07
C SER A 395 -5.80 -8.60 1.86
N SER A 396 -7.08 -8.93 2.05
CA SER A 396 -7.81 -9.74 1.05
C SER A 396 -7.86 -8.98 -0.27
N ASN A 397 -8.35 -7.72 -0.23
CA ASN A 397 -8.37 -6.92 -1.48
C ASN A 397 -7.05 -6.75 -2.18
N ALA A 398 -5.99 -6.56 -1.40
CA ALA A 398 -4.60 -6.47 -2.04
C ALA A 398 -4.36 -7.77 -2.81
N ALA A 399 -4.70 -8.91 -2.17
CA ALA A 399 -4.41 -10.21 -2.80
C ALA A 399 -5.29 -10.33 -4.06
N LYS A 400 -6.54 -9.91 -3.97
CA LYS A 400 -7.40 -9.99 -5.17
C LYS A 400 -6.87 -9.14 -6.28
N ILE A 401 -6.50 -7.92 -5.97
CA ILE A 401 -6.21 -7.00 -7.08
C ILE A 401 -4.86 -7.39 -7.70
N PHE A 402 -3.88 -7.69 -6.85
CA PHE A 402 -2.58 -8.02 -7.40
C PHE A 402 -2.40 -9.51 -7.74
N ASN A 403 -3.44 -10.33 -7.52
CA ASN A 403 -3.59 -11.64 -8.18
C ASN A 403 -2.89 -12.79 -7.45
N PHE A 404 -3.19 -12.97 -6.17
CA PHE A 404 -2.79 -14.13 -5.41
C PHE A 404 -3.77 -14.29 -4.26
N TYR A 405 -5.06 -14.35 -4.58
CA TYR A 405 -6.06 -14.67 -3.55
C TYR A 405 -6.71 -15.92 -4.07
N PRO A 406 -7.01 -16.90 -3.21
CA PRO A 406 -6.86 -16.82 -1.75
C PRO A 406 -5.54 -17.39 -1.23
N GLN A 407 -4.50 -17.44 -2.05
CA GLN A 407 -3.17 -17.88 -1.62
C GLN A 407 -2.76 -17.05 -0.39
N LYS A 408 -3.04 -15.76 -0.40
CA LYS A 408 -2.88 -14.91 0.79
C LYS A 408 -4.20 -14.19 1.04
N GLY A 409 -4.39 -13.63 2.22
CA GLY A 409 -5.55 -12.79 2.45
C GLY A 409 -6.74 -13.60 2.93
N ARG A 410 -6.49 -14.88 3.22
CA ARG A 410 -7.57 -15.72 3.70
C ARG A 410 -7.03 -16.88 4.55
N ILE A 411 -7.79 -17.18 5.62
CA ILE A 411 -7.42 -18.29 6.49
C ILE A 411 -8.20 -19.46 6.00
N ALA A 412 -7.58 -20.33 5.24
CA ALA A 412 -8.30 -21.50 4.70
C ALA A 412 -7.30 -22.53 4.23
N LYS A 413 -7.75 -23.76 4.08
CA LYS A 413 -6.87 -24.85 3.65
C LYS A 413 -6.16 -24.54 2.34
N ASP A 414 -4.84 -24.78 2.27
CA ASP A 414 -4.07 -24.55 1.03
C ASP A 414 -3.57 -23.13 0.89
N SER A 415 -4.01 -22.23 1.76
CA SER A 415 -3.51 -20.83 1.66
C SER A 415 -2.12 -20.80 2.29
N ASP A 416 -1.31 -19.81 1.93
CA ASP A 416 -0.05 -19.57 2.61
C ASP A 416 -0.27 -19.32 4.10
N ALA A 417 0.60 -19.87 4.97
CA ALA A 417 0.47 -19.62 6.38
C ALA A 417 1.13 -18.28 6.74
N ASP A 418 0.49 -17.19 6.33
CA ASP A 418 0.87 -15.83 6.79
C ASP A 418 -0.30 -15.44 7.70
N VAL A 419 -0.08 -15.56 9.00
CA VAL A 419 -1.21 -15.47 9.93
C VAL A 419 -0.82 -14.59 11.10
N VAL A 420 -1.78 -13.81 11.64
CA VAL A 420 -1.48 -13.01 12.83
C VAL A 420 -2.48 -13.30 13.94
N ILE A 421 -2.00 -13.46 15.17
CA ILE A 421 -2.90 -13.61 16.27
C ILE A 421 -3.07 -12.25 16.86
N TRP A 422 -4.31 -11.84 16.91
CA TRP A 422 -4.62 -10.45 17.10
C TRP A 422 -5.42 -10.29 18.38
N ASP A 423 -4.99 -9.35 19.20
CA ASP A 423 -5.71 -9.01 20.39
C ASP A 423 -6.44 -7.66 20.20
N PRO A 424 -7.77 -7.71 20.00
CA PRO A 424 -8.50 -6.47 19.69
C PRO A 424 -8.85 -5.68 20.97
N LYS A 425 -8.81 -6.32 22.13
CA LYS A 425 -9.24 -5.66 23.35
C LYS A 425 -8.12 -4.85 24.05
N THR A 426 -6.87 -5.26 23.93
CA THR A 426 -5.74 -4.59 24.56
C THR A 426 -5.29 -3.42 23.70
N THR A 427 -4.71 -2.40 24.32
CA THR A 427 -4.23 -1.27 23.57
C THR A 427 -2.72 -1.24 23.64
N ARG A 428 -2.10 -0.47 22.78
CA ARG A 428 -0.67 -0.25 22.87
C ARG A 428 -0.47 1.20 22.43
N LYS A 429 0.53 1.87 22.99
CA LYS A 429 0.77 3.21 22.55
C LYS A 429 1.89 3.19 21.53
N ILE A 430 1.74 3.95 20.47
CA ILE A 430 2.75 3.97 19.43
C ILE A 430 3.78 5.01 19.80
N SER A 431 5.05 4.62 19.72
CA SER A 431 6.08 5.55 20.03
C SER A 431 7.38 5.24 19.26
N ALA A 432 8.09 6.27 18.81
CA ALA A 432 9.41 6.03 18.17
C ALA A 432 10.37 5.33 19.16
N GLN A 433 10.01 5.28 20.43
CA GLN A 433 10.89 4.69 21.45
C GLN A 433 10.73 3.20 21.56
N THR A 434 9.59 2.72 21.09
CA THR A 434 9.32 1.33 21.18
C THR A 434 9.09 0.70 19.79
N HIS A 435 9.01 1.51 18.75
CA HIS A 435 8.80 0.95 17.41
C HIS A 435 10.05 0.32 16.84
N HIS A 436 9.90 -0.52 15.83
CA HIS A 436 10.98 -1.27 15.27
C HIS A 436 11.46 -0.67 13.97
N GLN A 437 10.94 0.49 13.58
CA GLN A 437 11.42 1.11 12.34
C GLN A 437 12.74 1.82 12.56
N ALA A 438 13.54 1.96 11.50
CA ALA A 438 14.85 2.61 11.59
C ALA A 438 14.66 4.10 11.88
N VAL A 439 13.57 4.71 11.39
CA VAL A 439 13.40 6.17 11.49
C VAL A 439 13.28 6.56 12.98
N ASP A 440 13.82 7.72 13.33
CA ASP A 440 13.94 8.14 14.76
C ASP A 440 12.74 9.00 15.21
N TYR A 441 11.63 8.96 14.50
CA TYR A 441 10.40 9.60 15.04
C TYR A 441 9.22 8.79 14.44
N ASN A 442 8.00 9.14 14.84
CA ASN A 442 6.83 8.44 14.35
C ASN A 442 5.64 9.39 14.24
N ILE A 443 5.05 9.50 13.03
CA ILE A 443 3.93 10.44 12.80
C ILE A 443 2.71 10.07 13.60
N PHE A 444 2.72 8.90 14.22
CA PHE A 444 1.56 8.51 15.08
C PHE A 444 1.99 8.56 16.59
N GLU A 445 3.15 9.19 16.86
CA GLU A 445 3.64 9.32 18.21
C GLU A 445 2.51 9.55 19.28
N GLY A 446 2.41 8.71 20.29
CA GLY A 446 1.46 8.95 21.37
C GLY A 446 0.13 8.25 21.18
N MET A 447 -0.19 7.86 19.95
CA MET A 447 -1.52 7.28 19.73
C MET A 447 -1.72 5.97 20.45
N GLU A 448 -2.82 5.86 21.20
CA GLU A 448 -3.21 4.68 21.87
C GLU A 448 -4.15 3.86 21.00
N CYS A 449 -3.78 2.66 20.63
CA CYS A 449 -4.58 1.90 19.68
C CYS A 449 -5.05 0.62 20.32
N HIS A 450 -6.36 0.37 20.26
CA HIS A 450 -6.86 -0.99 20.46
C HIS A 450 -6.36 -1.86 19.32
N GLY A 451 -6.06 -3.14 19.58
CA GLY A 451 -5.67 -4.08 18.51
C GLY A 451 -4.16 -4.26 18.45
N VAL A 452 -3.68 -5.39 18.96
CA VAL A 452 -2.25 -5.63 19.09
C VAL A 452 -1.92 -6.94 18.45
N PRO A 453 -0.86 -6.96 17.60
CA PRO A 453 -0.39 -8.21 17.02
C PRO A 453 0.47 -8.89 18.09
N VAL A 454 -0.02 -9.98 18.65
CA VAL A 454 0.65 -10.70 19.71
C VAL A 454 1.59 -11.76 19.15
N VAL A 455 1.20 -12.44 18.04
CA VAL A 455 2.08 -13.39 17.40
C VAL A 455 1.98 -13.19 15.87
N THR A 456 3.12 -13.03 15.22
CA THR A 456 3.11 -13.08 13.78
C THR A 456 3.73 -14.34 13.19
N VAL A 457 2.98 -15.03 12.32
CA VAL A 457 3.51 -16.17 11.55
C VAL A 457 3.67 -15.80 10.07
N SER A 458 4.86 -16.09 9.54
CA SER A 458 5.12 -15.80 8.15
C SER A 458 5.76 -17.04 7.50
N ARG A 459 5.19 -17.50 6.38
CA ARG A 459 5.66 -18.69 5.63
C ARG A 459 5.66 -19.86 6.58
N GLY A 460 4.64 -19.96 7.43
CA GLY A 460 4.57 -21.06 8.36
C GLY A 460 5.58 -21.00 9.53
N ARG A 461 6.27 -19.88 9.80
CA ARG A 461 7.22 -19.83 10.94
C ARG A 461 6.86 -18.66 11.88
N VAL A 462 7.06 -18.87 13.17
CA VAL A 462 6.78 -17.82 14.17
C VAL A 462 7.90 -16.82 14.10
N VAL A 463 7.65 -15.67 13.47
CA VAL A 463 8.70 -14.70 13.34
C VAL A 463 8.56 -13.60 14.36
N TYR A 464 7.48 -13.60 15.12
CA TYR A 464 7.31 -12.49 16.08
C TYR A 464 6.37 -12.93 17.21
N GLU A 465 6.84 -12.77 18.46
CA GLU A 465 6.05 -13.20 19.64
C GLU A 465 6.64 -12.62 20.90
N GLU A 466 5.80 -12.28 21.87
CA GLU A 466 6.26 -11.59 23.08
C GLU A 466 7.22 -10.44 22.74
N GLY A 467 6.78 -9.52 21.91
CA GLY A 467 7.56 -8.35 21.59
C GLY A 467 8.88 -8.65 20.93
N ARG A 468 9.16 -9.91 20.65
CA ARG A 468 10.45 -10.22 20.07
C ARG A 468 10.33 -10.82 18.67
N LEU A 469 11.22 -10.39 17.79
CA LEU A 469 11.31 -10.83 16.44
C LEU A 469 12.30 -11.99 16.35
N LYS A 470 12.00 -12.97 15.52
CA LYS A 470 12.91 -14.10 15.29
C LYS A 470 12.88 -14.43 13.82
N VAL A 471 13.74 -13.79 13.06
CA VAL A 471 13.69 -13.94 11.61
C VAL A 471 15.01 -13.53 10.99
N SER A 472 15.37 -14.07 9.81
CA SER A 472 16.63 -13.67 9.15
C SER A 472 16.40 -12.97 7.82
N PRO A 473 17.23 -11.94 7.52
CA PRO A 473 17.19 -11.31 6.19
C PRO A 473 17.30 -12.39 5.10
N GLY A 474 16.42 -12.37 4.10
CA GLY A 474 16.41 -13.37 3.05
C GLY A 474 15.38 -14.48 3.32
N GLN A 475 14.81 -14.55 4.53
CA GLN A 475 13.83 -15.63 4.85
C GLN A 475 12.55 -15.42 3.97
N GLY A 476 12.25 -14.18 3.62
CA GLY A 476 11.02 -13.90 2.81
C GLY A 476 11.24 -14.27 1.33
N ARG A 477 10.16 -14.42 0.57
CA ARG A 477 10.24 -14.78 -0.84
C ARG A 477 9.51 -13.80 -1.70
N PHE A 478 10.08 -13.53 -2.89
CA PHE A 478 9.39 -12.75 -3.91
C PHE A 478 8.17 -13.49 -4.42
N ILE A 479 7.01 -12.83 -4.52
CA ILE A 479 5.82 -13.54 -4.97
C ILE A 479 5.59 -13.21 -6.48
N HIS A 480 5.68 -14.22 -7.35
CA HIS A 480 5.59 -14.03 -8.78
C HIS A 480 4.15 -14.05 -9.14
N ARG A 481 3.60 -12.99 -9.73
CA ARG A 481 2.15 -13.06 -10.11
C ARG A 481 1.87 -13.16 -11.61
N GLN A 482 0.71 -13.67 -11.97
CA GLN A 482 0.20 -13.66 -13.36
C GLN A 482 -0.62 -12.42 -13.66
N PRO A 483 -0.66 -11.99 -14.94
CA PRO A 483 -1.54 -10.90 -15.39
C PRO A 483 -2.99 -11.25 -15.46
N PHE A 484 -3.84 -10.29 -15.84
CA PHE A 484 -5.29 -10.52 -15.95
C PHE A 484 -5.87 -11.03 -14.66
N SER A 485 -5.54 -10.39 -13.55
CA SER A 485 -6.26 -10.66 -12.31
C SER A 485 -7.81 -10.65 -12.55
N GLU A 486 -8.48 -11.70 -12.17
CA GLU A 486 -9.92 -11.83 -12.37
C GLU A 486 -10.72 -10.76 -11.66
N PHE A 487 -10.39 -10.50 -10.39
CA PHE A 487 -11.06 -9.42 -9.62
C PHE A 487 -11.06 -8.15 -10.38
N VAL A 488 -9.99 -7.92 -11.16
CA VAL A 488 -9.77 -6.66 -11.87
C VAL A 488 -10.37 -6.70 -13.31
N TYR A 489 -10.25 -7.85 -14.00
CA TYR A 489 -10.42 -7.88 -15.46
C TYR A 489 -11.79 -8.40 -15.95
N LYS A 490 -12.58 -9.05 -15.09
CA LYS A 490 -13.77 -9.76 -15.62
C LYS A 490 -14.77 -8.79 -16.23
N ARG A 491 -15.00 -7.67 -15.54
CA ARG A 491 -15.81 -6.61 -16.14
C ARG A 491 -15.12 -5.95 -17.37
N ILE A 492 -13.81 -5.76 -17.30
CA ILE A 492 -13.11 -5.12 -18.39
C ILE A 492 -13.39 -5.96 -19.64
N ARG A 493 -13.18 -7.31 -19.54
CA ARG A 493 -13.29 -8.17 -20.74
C ARG A 493 -14.71 -8.27 -21.23
N GLN A 494 -15.72 -8.25 -20.34
CA GLN A 494 -17.10 -8.36 -20.77
C GLN A 494 -17.44 -7.05 -21.53
N ARG A 495 -16.89 -5.93 -21.07
CA ARG A 495 -17.12 -4.65 -21.73
C ARG A 495 -16.45 -4.58 -23.12
N ASP A 496 -15.32 -5.25 -23.27
CA ASP A 496 -14.73 -5.33 -24.61
C ASP A 496 -15.70 -6.12 -25.51
N GLU A 497 -16.40 -7.10 -24.94
CA GLU A 497 -17.30 -7.85 -25.77
C GLU A 497 -18.63 -7.17 -26.16
N VAL A 498 -19.30 -6.48 -25.25
CA VAL A 498 -20.61 -5.91 -25.58
C VAL A 498 -20.56 -4.39 -25.65
N GLY A 499 -19.44 -3.74 -25.33
CA GLY A 499 -19.41 -2.25 -25.31
C GLY A 499 -18.72 -1.68 -26.56
N LYS A 500 -18.53 -2.46 -27.61
CA LYS A 500 -17.98 -1.91 -28.86
C LYS A 500 -18.94 -0.86 -29.43
N PRO A 501 -18.40 0.32 -29.82
CA PRO A 501 -19.23 1.33 -30.44
C PRO A 501 -19.63 0.81 -31.82
N ALA A 502 -20.83 1.12 -32.25
CA ALA A 502 -21.35 0.60 -33.50
C ALA A 502 -21.63 1.77 -34.47
N VAL A 503 -21.39 1.53 -35.76
CA VAL A 503 -21.77 2.43 -36.83
C VAL A 503 -23.30 2.46 -37.09
N VAL A 504 -23.80 3.62 -37.50
CA VAL A 504 -25.14 3.68 -38.02
C VAL A 504 -25.04 3.37 -39.52
N ILE A 505 -25.97 2.52 -39.99
CA ILE A 505 -25.89 2.06 -41.39
C ILE A 505 -26.60 3.07 -42.27
N ARG A 506 -25.90 3.59 -43.26
CA ARG A 506 -26.37 4.74 -44.04
C ARG A 506 -26.08 4.63 -45.57
N GLU A 507 -27.05 5.00 -46.38
CA GLU A 507 -26.77 5.27 -47.78
C GLU A 507 -25.80 6.50 -47.88
N PRO A 508 -24.75 6.41 -48.72
CA PRO A 508 -23.62 7.42 -48.79
C PRO A 508 -24.02 8.90 -48.84
ZN ZN B . 3.37 8.76 -4.93
ZN ZN C . 4.63 6.11 -3.04
O HYN D . 8.73 8.70 -4.61
C HYN D . 7.63 8.90 -3.64
C1 HYN D . 6.30 8.41 -4.01
N HYN D . 5.53 8.81 -2.83
N1 HYN D . 7.80 9.58 -2.51
C2 HYN D . 6.51 9.44 -2.09
O1 HYN D . 6.18 10.13 -0.86
#